data_6IHG
#
_entry.id   6IHG
#
_cell.length_a   58.631
_cell.length_b   58.631
_cell.length_c   118.276
_cell.angle_alpha   90.00
_cell.angle_beta   90.00
_cell.angle_gamma   120.00
#
_symmetry.space_group_name_H-M   'P 31 2 1'
#
loop_
_entity.id
_entity.type
_entity.pdbx_description
1 polymer 'Lon protease'
2 water water
#
_entity_poly.entity_id   1
_entity_poly.type   'polypeptide(L)'
_entity_poly.pdbx_seq_one_letter_code
;GSHMAEAKSVPVLFVTDTIVLPGMVVPIALDDTARAAIDAAQASESGQLLIAPRLEDRYPSHGVIAKILQVGRIAGGGTA
AVVRGERRAQIGAGASGPGAALWVEVTEVPEAEATDEIKALTAEYKKLLLAMLQRREAWEIIDYVNRLTDPSALADTSGY
ASYLTNAQKRQLLETVDVTERLRVLIDWTSDHLAE
;
_entity_poly.pdbx_strand_id   A
#
# COMPACT_ATOMS: atom_id res chain seq x y z
N LYS A 8 -3.36 -15.35 12.82
CA LYS A 8 -2.20 -15.34 11.92
C LYS A 8 -1.22 -14.21 12.23
N SER A 9 0.02 -14.55 12.52
CA SER A 9 1.00 -13.60 13.07
C SER A 9 2.10 -13.29 12.05
N VAL A 10 2.46 -12.02 11.93
CA VAL A 10 3.51 -11.61 10.98
C VAL A 10 4.37 -10.51 11.59
N PRO A 11 5.63 -10.42 11.18
CA PRO A 11 6.44 -9.26 11.58
C PRO A 11 5.93 -8.03 10.86
N VAL A 12 5.99 -6.88 11.53
CA VAL A 12 5.43 -5.65 10.99
C VAL A 12 6.54 -4.63 10.82
N LEU A 13 6.47 -3.91 9.72
CA LEU A 13 7.37 -2.82 9.40
C LEU A 13 6.52 -1.56 9.20
N PHE A 14 6.87 -0.50 9.92
CA PHE A 14 6.12 0.76 9.83
C PHE A 14 6.84 1.69 8.87
N VAL A 15 6.10 2.26 7.93
CA VAL A 15 6.67 3.20 6.95
C VAL A 15 6.18 4.60 7.27
N THR A 16 7.07 5.58 7.08
CA THR A 16 6.76 6.99 7.27
C THR A 16 6.75 7.79 5.99
N ASP A 17 7.30 7.26 4.91
CA ASP A 17 7.59 8.07 3.74
C ASP A 17 6.99 7.53 2.45
N THR A 18 6.66 6.25 2.40
CA THR A 18 5.81 5.68 1.37
C THR A 18 4.55 5.15 2.03
N ILE A 19 3.67 4.64 1.18
CA ILE A 19 2.54 3.82 1.60
C ILE A 19 2.49 2.68 0.60
N VAL A 20 2.28 1.48 1.07
CA VAL A 20 2.23 0.33 0.18
C VAL A 20 0.77 -0.12 0.11
N LEU A 21 0.14 -0.01 -1.06
CA LEU A 21 -1.18 -0.59 -1.16
C LEU A 21 -1.11 -1.91 -1.92
N PRO A 22 -2.14 -2.75 -1.82
CA PRO A 22 -2.09 -4.04 -2.53
C PRO A 22 -1.81 -3.87 -4.01
N GLY A 23 -0.76 -4.55 -4.48
CA GLY A 23 -0.31 -4.52 -5.85
C GLY A 23 0.91 -3.63 -6.08
N MET A 24 1.09 -2.56 -5.30
CA MET A 24 2.28 -1.72 -5.46
C MET A 24 3.56 -2.51 -5.18
N VAL A 25 4.64 -2.09 -5.83
CA VAL A 25 5.98 -2.61 -5.58
C VAL A 25 6.86 -1.41 -5.25
N VAL A 26 7.43 -1.40 -4.04
CA VAL A 26 8.19 -0.21 -3.61
C VAL A 26 9.46 -0.64 -2.91
N PRO A 27 10.52 0.15 -3.09
CA PRO A 27 11.69 0.06 -2.22
C PRO A 27 11.43 0.80 -0.92
N ILE A 28 12.03 0.27 0.14
CA ILE A 28 11.85 0.81 1.48
C ILE A 28 13.23 0.79 2.13
N ALA A 29 13.79 1.97 2.38
CA ALA A 29 15.03 2.07 3.14
C ALA A 29 14.81 1.49 4.54
N LEU A 30 15.72 0.61 4.95
CA LEU A 30 15.58 -0.14 6.19
C LEU A 30 16.34 0.54 7.32
N ASP A 31 15.59 1.03 8.31
CA ASP A 31 16.18 1.48 9.57
C ASP A 31 16.33 0.28 10.51
N ASP A 32 16.68 0.55 11.77
CA ASP A 32 16.89 -0.51 12.76
C ASP A 32 15.67 -1.41 12.88
N THR A 33 14.51 -0.82 13.19
CA THR A 33 13.27 -1.58 13.31
C THR A 33 12.97 -2.38 12.05
N ALA A 34 13.33 -1.82 10.90
CA ALA A 34 12.84 -2.35 9.63
C ALA A 34 13.63 -3.59 9.21
N ARG A 35 14.97 -3.51 9.31
CA ARG A 35 15.77 -4.69 9.00
C ARG A 35 15.46 -5.83 9.95
N ALA A 36 15.14 -5.50 11.21
CA ALA A 36 14.64 -6.50 12.16
C ALA A 36 13.41 -7.21 11.60
N ALA A 37 12.40 -6.45 11.17
CA ALA A 37 11.23 -7.03 10.53
C ALA A 37 11.60 -7.84 9.27
N ILE A 38 12.45 -7.29 8.40
CA ILE A 38 12.83 -7.99 7.17
C ILE A 38 13.47 -9.33 7.53
N ASP A 39 14.41 -9.31 8.47
CA ASP A 39 15.02 -10.56 8.94
C ASP A 39 13.97 -11.52 9.46
N ALA A 40 13.03 -11.01 10.26
CA ALA A 40 11.98 -11.86 10.83
C ALA A 40 11.16 -12.51 9.74
N ALA A 41 10.76 -11.73 8.73
CA ALA A 41 9.91 -12.26 7.67
C ALA A 41 10.65 -13.31 6.85
N GLN A 42 11.95 -13.10 6.59
CA GLN A 42 12.68 -14.07 5.80
C GLN A 42 12.87 -15.40 6.53
N ALA A 43 12.79 -15.40 7.87
CA ALA A 43 12.86 -16.68 8.58
C ALA A 43 11.54 -17.44 8.49
N SER A 44 10.41 -16.74 8.52
CA SER A 44 9.10 -17.38 8.71
C SER A 44 8.80 -18.36 7.58
N GLU A 45 7.82 -19.23 7.84
CA GLU A 45 7.25 -20.10 6.81
C GLU A 45 6.88 -19.28 5.59
N SER A 46 5.96 -18.32 5.79
CA SER A 46 5.28 -17.65 4.69
C SER A 46 6.13 -16.57 4.04
N GLY A 47 7.17 -16.09 4.74
CA GLY A 47 7.93 -14.94 4.29
C GLY A 47 7.11 -13.67 4.33
N GLN A 48 6.00 -13.70 5.06
CA GLN A 48 5.08 -12.58 5.02
C GLN A 48 5.57 -11.45 5.90
N LEU A 49 5.32 -10.23 5.40
CA LEU A 49 5.70 -9.00 6.06
C LEU A 49 4.47 -8.11 6.08
N LEU A 50 4.11 -7.60 7.26
CA LEU A 50 3.03 -6.62 7.30
C LEU A 50 3.63 -5.23 7.17
N ILE A 51 3.09 -4.45 6.24
CA ILE A 51 3.53 -3.08 6.05
C ILE A 51 2.41 -2.16 6.50
N ALA A 52 2.73 -1.26 7.42
CA ALA A 52 1.77 -0.44 8.14
C ALA A 52 2.21 1.01 8.16
N PRO A 53 1.27 1.93 8.17
CA PRO A 53 1.64 3.36 8.18
C PRO A 53 2.22 3.75 9.54
N ARG A 54 2.69 4.99 9.65
CA ARG A 54 3.33 5.48 10.87
C ARG A 54 2.53 5.13 12.12
N LEU A 55 3.20 4.61 13.12
CA LEU A 55 2.60 4.43 14.43
C LEU A 55 2.41 5.80 15.09
N GLU A 56 1.20 6.13 15.53
CA GLU A 56 0.99 7.45 16.12
C GLU A 56 0.68 7.37 17.60
N ASP A 57 -0.50 6.87 17.99
CA ASP A 57 -0.87 6.72 19.39
C ASP A 57 -1.69 5.46 19.56
N ARG A 58 -1.56 4.53 18.61
CA ARG A 58 -2.41 3.36 18.44
C ARG A 58 -1.76 2.53 17.36
N TYR A 59 -1.96 1.23 17.38
CA TYR A 59 -1.69 0.43 16.19
C TYR A 59 -2.62 0.91 15.07
N PRO A 60 -2.11 1.14 13.86
CA PRO A 60 -3.00 1.43 12.72
C PRO A 60 -4.04 0.31 12.58
N SER A 61 -5.22 0.69 12.09
CA SER A 61 -6.29 -0.29 11.93
C SER A 61 -5.93 -1.38 10.93
N HIS A 62 -5.17 -1.03 9.89
CA HIS A 62 -4.87 -1.95 8.80
C HIS A 62 -3.42 -1.80 8.36
N GLY A 63 -2.84 -2.92 7.93
CA GLY A 63 -1.64 -2.89 7.10
C GLY A 63 -1.87 -3.68 5.82
N VAL A 64 -0.80 -3.77 5.04
CA VAL A 64 -0.82 -4.54 3.79
C VAL A 64 0.15 -5.69 3.96
N ILE A 65 -0.35 -6.92 3.78
CA ILE A 65 0.54 -8.07 3.66
C ILE A 65 1.40 -7.91 2.40
N ALA A 66 2.70 -8.18 2.54
CA ALA A 66 3.63 -7.98 1.44
C ALA A 66 4.62 -9.13 1.36
N LYS A 67 5.16 -9.29 0.16
CA LYS A 67 6.22 -10.26 -0.10
C LYS A 67 7.51 -9.50 -0.37
N ILE A 68 8.59 -9.91 0.28
CA ILE A 68 9.90 -9.33 0.01
C ILE A 68 10.40 -9.87 -1.33
N LEU A 69 10.60 -8.97 -2.30
CA LEU A 69 11.24 -9.37 -3.54
C LEU A 69 12.75 -9.45 -3.39
N GLN A 70 13.38 -8.35 -2.97
CA GLN A 70 14.84 -8.23 -2.90
C GLN A 70 15.28 -7.30 -1.79
N VAL A 71 16.37 -7.68 -1.12
CA VAL A 71 17.04 -6.86 -0.13
C VAL A 71 18.45 -6.57 -0.64
N GLY A 72 18.79 -5.29 -0.69
CA GLY A 72 20.06 -4.87 -1.24
C GLY A 72 20.55 -3.53 -0.74
N ARG A 73 21.87 -3.41 -0.62
CA ARG A 73 22.56 -2.14 -0.40
C ARG A 73 22.14 -1.09 -1.42
N ILE A 74 22.25 0.18 -1.06
CA ILE A 74 21.86 1.28 -1.95
C ILE A 74 22.83 2.44 -1.74
N ALA A 75 22.67 3.48 -2.56
CA ALA A 75 23.49 4.67 -2.47
C ALA A 75 23.45 5.25 -1.05
N GLY A 76 24.62 5.65 -0.55
CA GLY A 76 24.74 6.16 0.80
C GLY A 76 25.04 5.12 1.85
N GLY A 77 25.32 3.87 1.45
CA GLY A 77 25.77 2.84 2.35
C GLY A 77 24.68 2.04 3.04
N GLY A 78 23.42 2.46 2.92
CA GLY A 78 22.32 1.79 3.57
C GLY A 78 21.67 0.75 2.68
N THR A 79 20.70 0.06 3.26
CA THR A 79 20.02 -1.05 2.59
C THR A 79 18.54 -0.73 2.43
N ALA A 80 17.98 -1.11 1.28
CA ALA A 80 16.56 -1.06 1.04
C ALA A 80 16.03 -2.46 0.71
N ALA A 81 14.76 -2.69 1.03
CA ALA A 81 14.07 -3.92 0.67
C ALA A 81 12.99 -3.60 -0.35
N VAL A 82 12.94 -4.37 -1.43
CA VAL A 82 11.87 -4.23 -2.42
C VAL A 82 10.74 -5.13 -2.00
N VAL A 83 9.54 -4.57 -1.86
CA VAL A 83 8.38 -5.35 -1.45
C VAL A 83 7.22 -5.13 -2.42
N ARG A 84 6.41 -6.16 -2.59
CA ARG A 84 5.18 -6.09 -3.37
C ARG A 84 4.01 -6.24 -2.42
N GLY A 85 3.15 -5.22 -2.39
CA GLY A 85 1.91 -5.34 -1.64
C GLY A 85 1.00 -6.41 -2.21
N GLU A 86 0.41 -7.21 -1.33
CA GLU A 86 -0.51 -8.26 -1.76
C GLU A 86 -1.95 -8.00 -1.37
N ARG A 87 -2.28 -7.86 -0.09
CA ARG A 87 -3.67 -7.64 0.28
C ARG A 87 -3.73 -6.83 1.58
N ARG A 88 -4.84 -6.13 1.77
CA ARG A 88 -5.08 -5.44 3.02
C ARG A 88 -5.31 -6.44 4.12
N ALA A 89 -4.88 -6.08 5.32
CA ALA A 89 -5.13 -6.90 6.50
C ALA A 89 -5.49 -6.01 7.67
N GLN A 90 -6.41 -6.49 8.49
CA GLN A 90 -6.75 -5.81 9.72
C GLN A 90 -5.75 -6.19 10.81
N ILE A 91 -5.29 -5.20 11.56
CA ILE A 91 -4.28 -5.41 12.59
C ILE A 91 -4.94 -5.70 13.93
N GLY A 92 -4.53 -6.81 14.56
CA GLY A 92 -4.92 -7.13 15.91
C GLY A 92 -3.86 -6.92 16.99
N ALA A 93 -3.60 -7.95 17.79
CA ALA A 93 -2.76 -7.82 19.00
C ALA A 93 -1.28 -7.86 18.66
N GLY A 94 -0.48 -7.18 19.49
CA GLY A 94 0.94 -7.14 19.26
C GLY A 94 1.77 -7.78 20.35
N ALA A 95 3.00 -8.18 20.02
CA ALA A 95 3.83 -8.94 20.93
C ALA A 95 5.27 -8.94 20.40
N SER A 96 6.23 -9.15 21.32
CA SER A 96 7.55 -9.53 20.88
C SER A 96 7.51 -10.97 20.36
N GLY A 97 8.38 -11.28 19.42
CA GLY A 97 8.31 -12.55 18.78
C GLY A 97 9.67 -13.06 18.42
N PRO A 98 9.71 -14.01 17.49
CA PRO A 98 11.00 -14.51 17.01
C PRO A 98 11.85 -13.37 16.45
N GLY A 99 13.16 -13.50 16.61
CA GLY A 99 14.02 -12.40 16.28
C GLY A 99 13.75 -11.26 17.22
N ALA A 100 14.19 -10.08 16.81
CA ALA A 100 13.87 -8.86 17.53
C ALA A 100 12.87 -8.05 16.73
N ALA A 101 11.88 -8.71 16.12
CA ALA A 101 10.83 -8.00 15.39
C ALA A 101 9.59 -7.80 16.26
N LEU A 102 8.82 -6.77 15.91
CA LEU A 102 7.49 -6.60 16.47
C LEU A 102 6.49 -7.40 15.63
N TRP A 103 5.67 -8.21 16.30
CA TRP A 103 4.80 -9.18 15.65
C TRP A 103 3.33 -8.86 15.95
N VAL A 104 2.46 -8.93 14.93
CA VAL A 104 1.04 -8.64 15.06
C VAL A 104 0.22 -9.81 14.52
N GLU A 105 -0.88 -10.11 15.23
CA GLU A 105 -1.99 -10.90 14.70
C GLU A 105 -2.72 -10.09 13.62
N VAL A 106 -2.91 -10.71 12.44
CA VAL A 106 -3.62 -10.09 11.33
C VAL A 106 -4.72 -11.02 10.87
N THR A 107 -5.74 -10.44 10.22
CA THR A 107 -6.83 -11.19 9.61
C THR A 107 -7.13 -10.61 8.23
N GLU A 108 -7.54 -11.51 7.32
CA GLU A 108 -7.90 -11.14 5.96
C GLU A 108 -9.07 -10.14 5.95
N VAL A 109 -8.96 -9.12 5.10
CA VAL A 109 -10.10 -8.23 4.87
C VAL A 109 -11.06 -8.96 3.93
N PRO A 110 -12.34 -8.62 3.92
CA PRO A 110 -13.24 -9.17 2.90
C PRO A 110 -13.01 -8.51 1.55
N GLU A 111 -13.02 -9.33 0.51
CA GLU A 111 -13.03 -8.82 -0.86
C GLU A 111 -14.41 -8.24 -1.18
N ALA A 112 -14.44 -7.28 -2.11
CA ALA A 112 -15.62 -6.48 -2.38
C ALA A 112 -16.25 -6.91 -3.69
N GLU A 113 -17.56 -7.19 -3.66
CA GLU A 113 -18.30 -7.57 -4.85
C GLU A 113 -18.51 -6.37 -5.76
N ALA A 114 -18.64 -6.63 -7.06
CA ALA A 114 -18.57 -5.58 -8.09
C ALA A 114 -19.94 -4.91 -8.28
N THR A 115 -20.29 -4.06 -7.32
CA THR A 115 -21.45 -3.19 -7.41
C THR A 115 -21.45 -2.39 -8.71
N ASP A 116 -22.65 -2.13 -9.23
CA ASP A 116 -22.72 -1.39 -10.48
C ASP A 116 -22.40 0.09 -10.30
N GLU A 117 -22.56 0.63 -9.09
CA GLU A 117 -22.14 2.00 -8.83
C GLU A 117 -20.64 2.08 -8.53
N ILE A 118 -20.03 1.00 -8.04
CA ILE A 118 -18.58 0.90 -8.02
C ILE A 118 -18.03 1.01 -9.44
N LYS A 119 -18.67 0.34 -10.40
CA LYS A 119 -18.19 0.42 -11.78
C LYS A 119 -18.36 1.83 -12.37
N ALA A 120 -19.38 2.58 -11.95
CA ALA A 120 -19.48 3.96 -12.41
C ALA A 120 -18.45 4.85 -11.73
N LEU A 121 -18.23 4.67 -10.43
CA LEU A 121 -17.18 5.42 -9.74
C LEU A 121 -15.82 5.11 -10.36
N THR A 122 -15.52 3.82 -10.53
CA THR A 122 -14.26 3.42 -11.15
C THR A 122 -14.12 4.00 -12.54
N ALA A 123 -15.21 4.03 -13.30
CA ALA A 123 -15.12 4.63 -14.62
C ALA A 123 -14.76 6.11 -14.54
N GLU A 124 -15.37 6.86 -13.61
CA GLU A 124 -15.07 8.28 -13.68
C GLU A 124 -13.76 8.65 -12.99
N TYR A 125 -13.36 7.92 -11.95
CA TYR A 125 -12.01 8.10 -11.45
C TYR A 125 -10.99 7.83 -12.55
N LYS A 126 -11.21 6.78 -13.34
CA LYS A 126 -10.28 6.49 -14.43
C LYS A 126 -10.16 7.68 -15.38
N LYS A 127 -11.28 8.36 -15.67
CA LYS A 127 -11.24 9.53 -16.56
C LYS A 127 -10.39 10.64 -15.98
N LEU A 128 -10.59 10.93 -14.70
CA LEU A 128 -9.79 11.99 -14.10
C LEU A 128 -8.32 11.57 -14.03
N LEU A 129 -8.07 10.31 -13.67
CA LEU A 129 -6.69 9.83 -13.60
C LEU A 129 -5.97 9.99 -14.94
N LEU A 130 -6.62 9.55 -16.03
CA LEU A 130 -5.99 9.67 -17.35
C LEU A 130 -5.69 11.13 -17.69
N ALA A 131 -6.61 12.04 -17.37
CA ALA A 131 -6.32 13.47 -17.58
C ALA A 131 -5.09 13.90 -16.80
N MET A 132 -5.07 13.58 -15.50
CA MET A 132 -3.97 13.92 -14.63
C MET A 132 -2.66 13.29 -15.11
N LEU A 133 -2.73 12.03 -15.58
CA LEU A 133 -1.55 11.39 -16.15
C LEU A 133 -1.11 12.11 -17.41
N GLN A 134 -2.08 12.47 -18.27
CA GLN A 134 -1.81 13.22 -19.49
C GLN A 134 -1.16 14.56 -19.19
N ARG A 135 -1.56 15.19 -18.08
CA ARG A 135 -0.89 16.39 -17.61
C ARG A 135 0.56 16.12 -17.25
N ARG A 136 0.84 14.94 -16.70
CA ARG A 136 2.19 14.48 -16.36
C ARG A 136 2.99 14.02 -17.58
N GLU A 137 2.35 13.89 -18.75
CA GLU A 137 2.99 13.24 -19.89
C GLU A 137 3.44 11.82 -19.52
N ALA A 138 2.68 11.16 -18.66
CA ALA A 138 2.95 9.76 -18.31
C ALA A 138 2.31 8.86 -19.37
N TRP A 139 2.84 8.95 -20.59
CA TRP A 139 2.24 8.28 -21.74
C TRP A 139 2.21 6.77 -21.55
N GLU A 140 3.33 6.19 -21.12
CA GLU A 140 3.39 4.75 -20.90
C GLU A 140 2.37 4.29 -19.86
N ILE A 141 2.28 5.02 -18.74
CA ILE A 141 1.29 4.69 -17.70
C ILE A 141 -0.13 4.84 -18.23
N ILE A 142 -0.37 5.83 -19.08
CA ILE A 142 -1.70 5.97 -19.68
C ILE A 142 -2.05 4.69 -20.44
N ASP A 143 -1.06 4.10 -21.11
CA ASP A 143 -1.28 2.81 -21.78
C ASP A 143 -1.83 1.77 -20.81
N TYR A 144 -1.09 1.51 -19.71
CA TYR A 144 -1.55 0.53 -18.72
C TYR A 144 -2.88 0.93 -18.09
N VAL A 145 -3.04 2.20 -17.75
CA VAL A 145 -4.24 2.56 -17.02
C VAL A 145 -5.45 2.36 -17.90
N ASN A 146 -5.28 2.46 -19.23
CA ASN A 146 -6.37 2.20 -20.16
C ASN A 146 -6.84 0.74 -20.08
N ARG A 147 -5.91 -0.20 -19.93
CA ARG A 147 -6.28 -1.62 -19.89
C ARG A 147 -6.86 -2.02 -18.54
N LEU A 148 -6.65 -1.22 -17.50
CA LEU A 148 -7.01 -1.53 -16.12
C LEU A 148 -8.51 -1.41 -15.86
N THR A 149 -9.09 -2.46 -15.28
CA THR A 149 -10.48 -2.39 -14.87
C THR A 149 -10.71 -2.67 -13.39
N ASP A 150 -9.79 -3.35 -12.71
CA ASP A 150 -9.91 -3.69 -11.29
C ASP A 150 -9.96 -2.41 -10.45
N PRO A 151 -11.11 -2.09 -9.85
CA PRO A 151 -11.18 -0.87 -9.02
C PRO A 151 -10.07 -0.74 -8.01
N SER A 152 -9.87 -1.76 -7.17
CA SER A 152 -8.82 -1.66 -6.16
C SER A 152 -7.46 -1.48 -6.82
N ALA A 153 -7.17 -2.29 -7.85
CA ALA A 153 -5.92 -2.12 -8.59
C ALA A 153 -5.81 -0.74 -9.24
N LEU A 154 -6.93 -0.19 -9.70
CA LEU A 154 -6.91 1.17 -10.22
C LEU A 154 -6.69 2.17 -9.10
N ALA A 155 -7.43 1.99 -7.99
CA ALA A 155 -7.26 2.82 -6.80
C ALA A 155 -5.81 2.81 -6.33
N ASP A 156 -5.13 1.69 -6.56
CA ASP A 156 -3.70 1.54 -6.28
C ASP A 156 -2.88 2.66 -6.92
N THR A 157 -3.05 2.87 -8.22
CA THR A 157 -2.28 3.83 -9.00
C THR A 157 -1.92 5.09 -8.22
N SER A 158 -2.83 5.53 -7.36
CA SER A 158 -2.65 6.79 -6.68
C SER A 158 -1.64 6.72 -5.56
N GLY A 159 -1.30 5.50 -5.10
CA GLY A 159 -0.16 5.36 -4.20
C GLY A 159 1.12 5.92 -4.78
N TYR A 160 1.34 5.73 -6.08
CA TYR A 160 2.52 6.25 -6.76
C TYR A 160 2.39 7.73 -7.12
N ALA A 161 1.26 8.35 -6.80
CA ALA A 161 1.02 9.72 -7.21
C ALA A 161 1.86 10.68 -6.36
N SER A 162 2.44 11.69 -7.00
CA SER A 162 3.29 12.61 -6.30
C SER A 162 2.52 13.81 -5.77
N TYR A 163 1.25 13.95 -6.15
CA TYR A 163 0.41 15.06 -5.72
C TYR A 163 -0.51 14.69 -4.57
N LEU A 164 -0.40 13.48 -4.03
CA LEU A 164 -1.16 13.09 -2.85
C LEU A 164 -0.22 13.05 -1.66
N THR A 165 -0.69 13.53 -0.51
CA THR A 165 0.13 13.48 0.69
C THR A 165 0.23 12.05 1.19
N ASN A 166 1.28 11.79 1.97
CA ASN A 166 1.39 10.50 2.64
C ASN A 166 0.28 10.30 3.65
N ALA A 167 -0.28 11.40 4.14
CA ALA A 167 -1.46 11.31 5.00
C ALA A 167 -2.68 10.88 4.21
N GLN A 168 -2.86 11.45 3.01
CA GLN A 168 -3.95 11.02 2.15
C GLN A 168 -3.80 9.55 1.81
N LYS A 169 -2.59 9.14 1.45
CA LYS A 169 -2.37 7.76 1.05
C LYS A 169 -2.66 6.80 2.21
N ARG A 170 -2.31 7.22 3.43
CA ARG A 170 -2.67 6.43 4.61
C ARG A 170 -4.19 6.33 4.75
N GLN A 171 -4.90 7.41 4.38
CA GLN A 171 -6.35 7.36 4.47
C GLN A 171 -6.91 6.39 3.45
N LEU A 172 -6.25 6.26 2.28
CA LEU A 172 -6.64 5.26 1.30
C LEU A 172 -6.41 3.86 1.83
N LEU A 173 -5.22 3.61 2.40
CA LEU A 173 -4.91 2.31 2.97
C LEU A 173 -5.98 1.89 3.97
N GLU A 174 -6.29 2.77 4.92
CA GLU A 174 -7.16 2.42 6.02
C GLU A 174 -8.64 2.47 5.67
N THR A 175 -8.97 2.67 4.40
CA THR A 175 -10.35 2.68 3.93
C THR A 175 -10.62 1.41 3.14
N VAL A 176 -11.14 0.39 3.82
CA VAL A 176 -11.37 -0.88 3.11
C VAL A 176 -12.55 -0.76 2.15
N ASP A 177 -13.48 0.15 2.42
CA ASP A 177 -14.59 0.41 1.51
C ASP A 177 -14.07 0.92 0.17
N VAL A 178 -14.34 0.16 -0.90
CA VAL A 178 -13.93 0.58 -2.24
C VAL A 178 -14.67 1.84 -2.67
N THR A 179 -16.01 1.86 -2.53
CA THR A 179 -16.79 3.03 -2.97
C THR A 179 -16.37 4.27 -2.21
N GLU A 180 -16.02 4.13 -0.92
CA GLU A 180 -15.44 5.24 -0.20
C GLU A 180 -14.08 5.62 -0.78
N ARG A 181 -13.24 4.61 -1.07
CA ARG A 181 -11.93 4.89 -1.65
C ARG A 181 -12.06 5.62 -2.98
N LEU A 182 -12.85 5.08 -3.88
CA LEU A 182 -13.01 5.71 -5.18
C LEU A 182 -13.50 7.15 -5.04
N ARG A 183 -14.44 7.38 -4.13
CA ARG A 183 -15.00 8.72 -4.00
C ARG A 183 -13.93 9.71 -3.56
N VAL A 184 -13.17 9.34 -2.52
CA VAL A 184 -12.15 10.25 -2.04
C VAL A 184 -11.06 10.43 -3.09
N LEU A 185 -10.78 9.40 -3.88
CA LEU A 185 -9.83 9.52 -4.98
C LEU A 185 -10.37 10.44 -6.04
N ILE A 186 -11.67 10.38 -6.30
CA ILE A 186 -12.22 11.29 -7.28
C ILE A 186 -12.00 12.74 -6.83
N ASP A 187 -12.21 13.01 -5.55
CA ASP A 187 -12.04 14.37 -5.01
C ASP A 187 -10.60 14.86 -5.14
N TRP A 188 -9.65 14.04 -4.70
CA TRP A 188 -8.25 14.43 -4.74
C TRP A 188 -7.74 14.53 -6.19
N THR A 189 -8.08 13.54 -7.02
CA THR A 189 -7.69 13.63 -8.42
C THR A 189 -8.42 14.78 -9.11
N SER A 190 -9.67 15.06 -8.71
CA SER A 190 -10.40 16.20 -9.24
C SER A 190 -9.81 17.54 -8.83
N ASP A 191 -8.78 17.55 -7.98
CA ASP A 191 -8.02 18.77 -7.75
C ASP A 191 -6.87 18.77 -8.76
N HIS A 192 -7.23 19.09 -9.99
CA HIS A 192 -6.26 19.36 -11.04
C HIS A 192 -6.70 20.54 -11.90
N LEU A 193 -7.08 21.64 -11.26
CA LEU A 193 -7.03 22.95 -11.92
C LEU A 193 -5.60 23.52 -11.87
#